data_5XCX
#
_entry.id   5XCX
#
_cell.length_a   69.200
_cell.length_b   69.200
_cell.length_c   171.540
_cell.angle_alpha   90.00
_cell.angle_beta   90.00
_cell.angle_gamma   90.00
#
_symmetry.space_group_name_H-M   'P 41 21 2'
#
loop_
_entity.id
_entity.type
_entity.pdbx_description
1 polymer 'VH(S112C)-SARAH Chimera'
2 polymer 'VL-SARAH(S37C) Chimera'
3 non-polymer 'PHOSPHATE ION'
4 non-polymer '3-CYCLOHEXYL-1-PROPYLSULFONIC ACID'
5 non-polymer GLYCEROL
6 water water
#
loop_
_entity_poly.entity_id
_entity_poly.type
_entity_poly.pdbx_seq_one_letter_code
_entity_poly.pdbx_strand_id
1 'polypeptide(L)'
;MDVKLVESGGGLVKPGGSLKLSCAASGFTFSSYTMSWVRQTPEKRLEWVATISSGGSYTYYPDSVKGRFTISRDKAKNTL
YLQMGSLKSEDTAMYYCTRIGYDEDYAMDHWGQGTSVTVCSGSDYEFLKSWTVEDLQKRLLALDPMMEQEIEEIRQKYQS
KRQPILDAIEAK
;
A
2 'polypeptide(L)'
;GSHMQIVVTQRPTTMAASPGDKIIITCSVSSIISSNYLHWYSQKPGFSPKLLIYRTSNLASGVPPRFSGSGSGTSYSLTI
GTMEAEDVATYYCQQGSDIPLTFGDGTKLDLKRGSDYEFLKSWTVEDLQKRLLALDPMMEQEIEEIRQKYQCKRQPILDA
IEAK
;
B
#
# COMPACT_ATOMS: atom_id res chain seq x y z
N ASP A 2 -13.92 6.48 -14.63
CA ASP A 2 -14.72 7.54 -13.95
C ASP A 2 -14.11 7.94 -12.60
N VAL A 3 -14.15 7.04 -11.63
CA VAL A 3 -13.83 7.40 -10.24
C VAL A 3 -12.33 7.71 -10.10
N LYS A 4 -12.04 8.89 -9.55
CA LYS A 4 -10.66 9.35 -9.34
C LYS A 4 -10.51 9.84 -7.89
N LEU A 5 -9.43 9.43 -7.25
CA LEU A 5 -9.10 9.83 -5.89
C LEU A 5 -7.62 10.17 -5.88
N VAL A 6 -7.27 11.40 -5.52
CA VAL A 6 -5.89 11.90 -5.59
C VAL A 6 -5.48 12.52 -4.27
N GLU A 7 -4.57 11.86 -3.56
CA GLU A 7 -4.12 12.29 -2.24
C GLU A 7 -2.94 13.24 -2.37
N SER A 8 -2.84 14.16 -1.42
CA SER A 8 -1.71 15.07 -1.30
C SER A 8 -1.47 15.45 0.17
N GLY A 9 -0.39 16.20 0.41
CA GLY A 9 -0.05 16.72 1.74
C GLY A 9 0.96 15.91 2.54
N GLY A 10 1.43 14.80 1.97
CA GLY A 10 2.42 13.95 2.64
C GLY A 10 3.81 14.56 2.65
N GLY A 11 4.69 14.00 3.48
CA GLY A 11 6.09 14.44 3.60
C GLY A 11 6.71 14.12 4.95
N LEU A 12 7.82 14.79 5.24
CA LEU A 12 8.55 14.60 6.51
C LEU A 12 7.90 15.37 7.61
N VAL A 13 7.93 14.81 8.82
CA VAL A 13 7.37 15.47 9.99
C VAL A 13 8.05 14.92 11.25
N LYS A 14 8.31 15.80 12.22
CA LYS A 14 8.99 15.41 13.46
C LYS A 14 8.03 14.69 14.39
N PRO A 15 8.55 13.78 15.25
CA PRO A 15 7.70 13.18 16.29
C PRO A 15 7.07 14.27 17.14
N GLY A 16 5.76 14.18 17.36
CA GLY A 16 5.03 15.20 18.09
C GLY A 16 4.44 16.31 17.22
N GLY A 17 4.86 16.38 15.95
CA GLY A 17 4.38 17.44 15.05
C GLY A 17 3.00 17.12 14.50
N SER A 18 2.59 17.87 13.48
CA SER A 18 1.30 17.66 12.83
C SER A 18 1.37 17.81 11.31
N LEU A 19 0.41 17.19 10.64
CA LEU A 19 0.27 17.22 9.17
C LEU A 19 -1.21 17.13 8.79
N LYS A 20 -1.58 17.73 7.66
CA LYS A 20 -2.93 17.63 7.14
C LYS A 20 -2.88 17.02 5.74
N LEU A 21 -3.54 15.88 5.56
CA LEU A 21 -3.64 15.21 4.26
C LEU A 21 -4.97 15.57 3.62
N SER A 22 -4.96 15.65 2.29
CA SER A 22 -6.16 15.93 1.49
C SER A 22 -6.33 14.89 0.41
N CYS A 23 -7.59 14.59 0.06
CA CYS A 23 -7.95 13.70 -1.06
CA CYS A 23 -7.89 13.77 -1.11
C CYS A 23 -9.02 14.39 -1.92
N ALA A 24 -8.68 14.77 -3.15
CA ALA A 24 -9.63 15.37 -4.09
C ALA A 24 -10.31 14.25 -4.85
N ALA A 25 -11.63 14.18 -4.75
CA ALA A 25 -12.40 13.11 -5.37
C ALA A 25 -13.21 13.64 -6.55
N SER A 26 -13.31 12.83 -7.61
CA SER A 26 -14.09 13.17 -8.80
C SER A 26 -14.63 11.93 -9.54
N GLY A 27 -15.58 12.17 -10.44
CA GLY A 27 -16.24 11.09 -11.21
C GLY A 27 -17.33 10.31 -10.48
N PHE A 28 -17.77 10.79 -9.32
CA PHE A 28 -18.93 10.23 -8.63
C PHE A 28 -19.54 11.30 -7.73
N THR A 29 -20.75 11.04 -7.21
CA THR A 29 -21.43 11.97 -6.30
C THR A 29 -20.84 11.79 -4.91
N PHE A 30 -19.87 12.64 -4.56
CA PHE A 30 -19.08 12.57 -3.32
C PHE A 30 -19.91 12.34 -2.05
N SER A 31 -20.95 13.16 -1.89
CA SER A 31 -21.78 13.14 -0.68
C SER A 31 -22.71 11.94 -0.53
N SER A 32 -22.76 11.06 -1.52
CA SER A 32 -23.52 9.81 -1.41
C SER A 32 -22.71 8.62 -0.88
N TYR A 33 -21.43 8.83 -0.54
CA TYR A 33 -20.52 7.73 -0.17
C TYR A 33 -19.73 7.94 1.13
N THR A 34 -19.65 6.87 1.91
CA THR A 34 -18.79 6.80 3.09
C THR A 34 -17.34 6.75 2.59
N MET A 35 -16.43 7.48 3.23
CA MET A 35 -15.02 7.53 2.82
C MET A 35 -14.10 7.16 3.96
N SER A 36 -12.93 6.61 3.64
CA SER A 36 -11.93 6.21 4.65
C SER A 36 -10.51 6.59 4.29
N TRP A 37 -9.64 6.54 5.30
CA TRP A 37 -8.21 6.52 5.14
C TRP A 37 -7.71 5.16 5.63
N VAL A 38 -6.84 4.54 4.84
CA VAL A 38 -6.17 3.29 5.17
C VAL A 38 -4.69 3.49 4.88
N ARG A 39 -3.82 3.08 5.80
CA ARG A 39 -2.37 3.22 5.60
C ARG A 39 -1.66 1.88 5.38
N GLN A 40 -0.56 1.91 4.63
CA GLN A 40 0.29 0.73 4.46
C GLN A 40 1.66 1.00 5.08
N THR A 41 2.03 0.17 6.06
CA THR A 41 3.28 0.31 6.79
C THR A 41 4.50 -0.11 5.96
N PRO A 42 5.73 0.22 6.40
CA PRO A 42 6.95 -0.30 5.76
C PRO A 42 7.01 -1.83 5.65
N GLU A 43 6.42 -2.55 6.61
CA GLU A 43 6.30 -4.00 6.53
C GLU A 43 5.11 -4.48 5.65
N LYS A 44 4.44 -3.54 4.96
CA LYS A 44 3.36 -3.81 4.00
C LYS A 44 2.05 -4.35 4.58
N ARG A 45 1.83 -4.11 5.88
CA ARG A 45 0.53 -4.39 6.51
C ARG A 45 -0.41 -3.22 6.22
N LEU A 46 -1.68 -3.52 5.94
CA LEU A 46 -2.73 -2.51 5.76
C LEU A 46 -3.41 -2.26 7.11
N GLU A 47 -3.52 -0.98 7.50
CA GLU A 47 -4.10 -0.56 8.78
C GLU A 47 -5.15 0.53 8.54
N TRP A 48 -6.40 0.23 8.86
CA TRP A 48 -7.49 1.24 8.78
C TRP A 48 -7.23 2.32 9.85
N VAL A 49 -7.34 3.59 9.48
CA VAL A 49 -7.09 4.71 10.42
C VAL A 49 -8.28 5.64 10.71
N ALA A 50 -9.21 5.80 9.76
CA ALA A 50 -10.42 6.62 9.98
C ALA A 50 -11.49 6.35 8.94
N THR A 51 -12.76 6.46 9.33
CA THR A 51 -13.89 6.44 8.41
C THR A 51 -14.85 7.59 8.75
N ILE A 52 -15.49 8.15 7.73
CA ILE A 52 -16.51 9.19 7.90
C ILE A 52 -17.72 8.86 7.02
N SER A 53 -18.90 8.93 7.62
CA SER A 53 -20.14 8.62 6.89
C SER A 53 -20.43 9.64 5.79
N SER A 54 -21.32 9.24 4.87
CA SER A 54 -21.60 10.00 3.66
C SER A 54 -21.98 11.45 3.93
N GLY A 55 -22.84 11.66 4.92
CA GLY A 55 -23.26 13.01 5.35
C GLY A 55 -22.35 13.69 6.36
N GLY A 56 -21.35 12.98 6.87
CA GLY A 56 -20.40 13.53 7.83
C GLY A 56 -20.80 13.45 9.29
N SER A 57 -21.97 12.88 9.60
CA SER A 57 -22.46 12.78 10.98
C SER A 57 -21.67 11.81 11.85
N TYR A 58 -21.16 10.73 11.26
CA TYR A 58 -20.47 9.66 12.02
C TYR A 58 -19.00 9.59 11.64
N THR A 59 -18.12 9.50 12.64
CA THR A 59 -16.69 9.27 12.42
C THR A 59 -16.21 8.15 13.33
N TYR A 60 -15.37 7.27 12.81
CA TYR A 60 -14.87 6.10 13.56
C TYR A 60 -13.36 6.05 13.45
N TYR A 61 -12.71 5.60 14.52
CA TYR A 61 -11.26 5.46 14.57
C TYR A 61 -10.85 4.20 15.36
N PRO A 62 -9.66 3.63 15.04
CA PRO A 62 -9.06 2.64 15.92
C PRO A 62 -8.44 3.31 17.16
N ASP A 63 -8.32 2.54 18.25
CA ASP A 63 -7.78 3.01 19.53
C ASP A 63 -6.44 3.75 19.42
N SER A 64 -5.51 3.20 18.65
CA SER A 64 -4.14 3.79 18.51
C SER A 64 -4.10 5.19 17.90
N VAL A 65 -5.21 5.63 17.32
CA VAL A 65 -5.31 6.91 16.63
C VAL A 65 -6.32 7.88 17.29
N LYS A 66 -7.19 7.39 18.17
CA LYS A 66 -8.16 8.26 18.87
C LYS A 66 -7.51 9.39 19.67
N GLY A 67 -8.08 10.59 19.58
CA GLY A 67 -7.54 11.78 20.23
C GLY A 67 -6.33 12.41 19.53
N ARG A 68 -5.84 11.78 18.46
CA ARG A 68 -4.67 12.26 17.71
C ARG A 68 -5.03 12.66 16.28
N PHE A 69 -5.79 11.84 15.57
CA PHE A 69 -6.21 12.15 14.20
C PHE A 69 -7.67 12.61 14.15
N THR A 70 -7.99 13.43 13.15
CA THR A 70 -9.36 13.83 12.84
C THR A 70 -9.64 13.72 11.33
N ILE A 71 -10.68 12.97 10.98
CA ILE A 71 -11.16 12.88 9.60
C ILE A 71 -12.33 13.86 9.40
N SER A 72 -12.32 14.54 8.27
CA SER A 72 -13.40 15.46 7.90
C SER A 72 -13.56 15.49 6.40
N ARG A 73 -14.65 16.11 5.95
CA ARG A 73 -14.94 16.26 4.52
C ARG A 73 -15.56 17.62 4.23
N ASP A 74 -15.25 18.17 3.06
CA ASP A 74 -15.81 19.43 2.57
C ASP A 74 -16.68 19.09 1.36
N LYS A 75 -18.00 19.12 1.57
CA LYS A 75 -18.97 18.76 0.53
C LYS A 75 -18.88 19.66 -0.70
N ALA A 76 -18.66 20.96 -0.49
CA ALA A 76 -18.58 21.95 -1.57
C ALA A 76 -17.38 21.72 -2.50
N LYS A 77 -16.25 21.32 -1.92
CA LYS A 77 -15.02 21.10 -2.69
C LYS A 77 -14.75 19.64 -3.05
N ASN A 78 -15.66 18.72 -2.72
CA ASN A 78 -15.48 17.27 -2.95
C ASN A 78 -14.12 16.77 -2.44
N THR A 79 -13.80 17.12 -1.19
CA THR A 79 -12.49 16.85 -0.61
C THR A 79 -12.63 16.19 0.75
N LEU A 80 -11.75 15.23 1.01
CA LEU A 80 -11.65 14.50 2.27
C LEU A 80 -10.32 14.92 2.91
N TYR A 81 -10.30 15.05 4.23
CA TYR A 81 -9.08 15.45 4.96
C TYR A 81 -8.74 14.48 6.08
N LEU A 82 -7.46 14.41 6.42
CA LEU A 82 -7.01 13.77 7.66
C LEU A 82 -6.03 14.71 8.35
N GLN A 83 -6.48 15.28 9.47
CA GLN A 83 -5.62 16.07 10.35
C GLN A 83 -4.91 15.14 11.31
N MET A 84 -3.58 15.07 11.18
CA MET A 84 -2.76 14.17 11.98
C MET A 84 -2.00 15.00 13.02
N GLY A 85 -2.04 14.58 14.28
CA GLY A 85 -1.31 15.25 15.37
C GLY A 85 -0.64 14.24 16.28
N SER A 86 0.18 14.76 17.21
CA SER A 86 0.94 13.93 18.17
C SER A 86 1.58 12.72 17.50
N LEU A 87 2.27 12.99 16.39
CA LEU A 87 2.78 11.92 15.53
C LEU A 87 3.83 11.05 16.22
N LYS A 88 3.76 9.74 15.97
CA LYS A 88 4.73 8.77 16.50
C LYS A 88 5.35 8.03 15.32
N SER A 89 6.43 7.30 15.59
CA SER A 89 7.11 6.51 14.53
C SER A 89 6.19 5.46 13.89
N GLU A 90 5.28 4.86 14.67
CA GLU A 90 4.28 3.93 14.12
C GLU A 90 3.39 4.49 12.99
N ASP A 91 3.31 5.82 12.88
CA ASP A 91 2.54 6.50 11.83
C ASP A 91 3.25 6.65 10.47
N THR A 92 4.53 6.28 10.39
CA THR A 92 5.24 6.32 9.11
C THR A 92 4.64 5.26 8.16
N ALA A 93 4.11 5.72 7.03
CA ALA A 93 3.36 4.86 6.10
C ALA A 93 2.94 5.60 4.83
N MET A 94 2.48 4.82 3.85
CA MET A 94 1.76 5.35 2.70
C MET A 94 0.27 5.43 3.08
N TYR A 95 -0.34 6.61 2.93
CA TYR A 95 -1.75 6.83 3.30
C TYR A 95 -2.64 6.87 2.07
N TYR A 96 -3.67 6.02 2.05
CA TYR A 96 -4.61 5.94 0.95
C TYR A 96 -5.99 6.45 1.35
N CYS A 97 -6.60 7.20 0.44
CA CYS A 97 -8.00 7.58 0.53
CA CYS A 97 -8.01 7.60 0.55
C CYS A 97 -8.81 6.51 -0.20
N THR A 98 -9.90 6.04 0.42
CA THR A 98 -10.75 4.99 -0.15
C THR A 98 -12.25 5.34 -0.04
N ARG A 99 -13.03 4.76 -0.96
CA ARG A 99 -14.49 4.88 -0.96
C ARG A 99 -15.10 3.54 -0.59
N ILE A 100 -16.16 3.58 0.22
CA ILE A 100 -16.96 2.40 0.53
C ILE A 100 -18.23 2.44 -0.32
N GLY A 101 -18.47 1.37 -1.09
CA GLY A 101 -19.61 1.32 -2.00
C GLY A 101 -20.94 1.22 -1.30
N TYR A 102 -21.01 0.31 -0.32
CA TYR A 102 -22.23 0.04 0.42
C TYR A 102 -21.95 0.09 1.93
N ASP A 103 -22.69 0.93 2.64
CA ASP A 103 -22.58 0.98 4.12
C ASP A 103 -22.95 -0.35 4.81
N GLU A 104 -23.66 -1.25 4.13
CA GLU A 104 -24.06 -2.54 4.71
C GLU A 104 -22.98 -3.62 4.59
N ASP A 105 -21.88 -3.36 3.89
CA ASP A 105 -20.75 -4.33 3.87
C ASP A 105 -19.35 -3.78 4.14
N TYR A 106 -19.14 -2.48 3.93
CA TYR A 106 -17.86 -1.81 4.19
C TYR A 106 -16.68 -2.39 3.37
N ALA A 107 -16.98 -2.86 2.15
CA ALA A 107 -15.95 -3.13 1.16
C ALA A 107 -15.48 -1.80 0.52
N MET A 108 -14.18 -1.68 0.31
CA MET A 108 -13.58 -0.44 -0.20
C MET A 108 -13.36 -0.55 -1.70
N ASP A 109 -14.28 0.03 -2.47
CA ASP A 109 -14.34 -0.28 -3.90
C ASP A 109 -13.42 0.54 -4.81
N HIS A 110 -12.87 1.66 -4.31
CA HIS A 110 -11.86 2.44 -5.04
C HIS A 110 -10.83 3.00 -4.06
N TRP A 111 -9.58 3.00 -4.49
CA TRP A 111 -8.45 3.48 -3.72
C TRP A 111 -7.68 4.50 -4.54
N GLY A 112 -7.15 5.55 -3.91
CA GLY A 112 -6.23 6.48 -4.57
C GLY A 112 -4.83 5.89 -4.78
N GLN A 113 -3.87 6.76 -5.14
CA GLN A 113 -2.48 6.36 -5.40
CA GLN A 113 -2.48 6.36 -5.41
C GLN A 113 -1.60 6.43 -4.15
N GLY A 114 -2.10 7.08 -3.10
CA GLY A 114 -1.40 7.17 -1.84
C GLY A 114 -0.52 8.39 -1.75
N THR A 115 -0.34 8.88 -0.53
CA THR A 115 0.64 9.93 -0.24
C THR A 115 1.50 9.47 0.97
N SER A 116 2.80 9.70 0.88
CA SER A 116 3.74 9.15 1.85
C SER A 116 3.98 10.10 3.02
N VAL A 117 3.93 9.56 4.24
CA VAL A 117 4.26 10.31 5.47
C VAL A 117 5.44 9.62 6.15
N THR A 118 6.50 10.39 6.45
CA THR A 118 7.67 9.88 7.18
C THR A 118 7.89 10.67 8.48
N VAL A 119 7.73 9.98 9.62
CA VAL A 119 8.01 10.58 10.92
C VAL A 119 9.52 10.48 11.14
N CYS A 120 10.19 11.64 11.06
CA CYS A 120 11.65 11.69 11.05
C CYS A 120 12.21 12.16 12.38
N SER A 121 12.94 11.27 13.04
CA SER A 121 13.58 11.55 14.32
C SER A 121 14.65 12.62 14.20
N GLY A 122 14.61 13.58 15.13
CA GLY A 122 15.63 14.63 15.19
C GLY A 122 16.71 14.39 16.23
N SER A 123 16.85 13.17 16.75
CA SER A 123 17.71 12.93 17.93
C SER A 123 19.21 13.22 17.68
N ASP A 124 19.67 13.02 16.43
CA ASP A 124 21.07 13.35 16.07
C ASP A 124 21.44 14.81 16.30
N TYR A 125 20.45 15.72 16.20
CA TYR A 125 20.62 17.15 16.50
C TYR A 125 21.32 17.39 17.85
N GLU A 126 21.02 16.56 18.84
CA GLU A 126 21.57 16.71 20.18
C GLU A 126 23.12 16.72 20.20
N PHE A 127 23.75 15.99 19.30
CA PHE A 127 25.21 16.09 19.12
C PHE A 127 25.63 17.00 17.96
N LEU A 128 24.89 16.94 16.85
CA LEU A 128 25.19 17.75 15.65
C LEU A 128 25.19 19.25 15.93
N LYS A 129 24.34 19.71 16.84
CA LYS A 129 24.30 21.15 17.18
C LYS A 129 25.62 21.73 17.69
N SER A 130 26.50 20.88 18.26
CA SER A 130 27.81 21.32 18.74
C SER A 130 28.90 21.33 17.66
N TRP A 131 28.66 20.73 16.49
CA TRP A 131 29.72 20.63 15.45
C TRP A 131 29.92 21.97 14.75
N THR A 132 31.09 22.15 14.13
CA THR A 132 31.31 23.28 13.23
C THR A 132 30.52 23.10 11.94
N VAL A 133 30.26 24.22 11.26
CA VAL A 133 29.56 24.18 9.97
C VAL A 133 30.36 23.36 8.96
N GLU A 134 31.69 23.52 8.96
CA GLU A 134 32.58 22.72 8.09
C GLU A 134 32.31 21.22 8.23
N ASP A 135 32.25 20.73 9.46
CA ASP A 135 32.06 19.29 9.70
C ASP A 135 30.64 18.81 9.43
N LEU A 136 29.63 19.64 9.69
CA LEU A 136 28.25 19.32 9.32
C LEU A 136 28.08 19.19 7.79
N GLN A 137 28.64 20.13 7.03
CA GLN A 137 28.58 20.08 5.56
C GLN A 137 29.31 18.85 4.99
N LYS A 138 30.41 18.46 5.63
CA LYS A 138 31.15 17.27 5.26
C LYS A 138 30.27 16.01 5.38
N ARG A 139 29.57 15.90 6.51
CA ARG A 139 28.63 14.80 6.73
C ARG A 139 27.52 14.80 5.68
N LEU A 140 26.97 15.97 5.43
CA LEU A 140 25.91 16.15 4.44
C LEU A 140 26.40 15.77 3.03
N LEU A 141 27.64 16.16 2.70
CA LEU A 141 28.27 15.80 1.42
C LEU A 141 28.45 14.29 1.24
N ALA A 142 28.91 13.63 2.30
CA ALA A 142 29.08 12.17 2.31
C ALA A 142 27.77 11.37 2.09
N LEU A 143 26.61 11.95 2.38
CA LEU A 143 25.33 11.27 2.12
C LEU A 143 24.98 11.05 0.64
N ASP A 144 25.41 11.96 -0.24
CA ASP A 144 25.03 11.87 -1.66
C ASP A 144 25.59 10.63 -2.38
N PRO A 145 26.92 10.36 -2.30
CA PRO A 145 27.41 9.12 -2.92
C PRO A 145 26.86 7.82 -2.29
N MET A 146 26.54 7.84 -0.99
CA MET A 146 25.87 6.71 -0.33
C MET A 146 24.49 6.43 -0.96
N MET A 147 23.70 7.50 -1.14
CA MET A 147 22.40 7.38 -1.78
C MET A 147 22.51 6.92 -3.23
N GLU A 148 23.40 7.55 -4.00
CA GLU A 148 23.62 7.18 -5.39
C GLU A 148 24.04 5.70 -5.53
N GLN A 149 24.86 5.20 -4.61
CA GLN A 149 25.28 3.79 -4.62
C GLN A 149 24.11 2.84 -4.32
N GLU A 150 23.27 3.18 -3.34
CA GLU A 150 22.10 2.36 -3.05
C GLU A 150 21.16 2.32 -4.24
N ILE A 151 20.96 3.46 -4.90
CA ILE A 151 20.09 3.52 -6.08
C ILE A 151 20.67 2.71 -7.26
N GLU A 152 21.97 2.83 -7.50
CA GLU A 152 22.60 2.07 -8.59
C GLU A 152 22.48 0.56 -8.35
N GLU A 153 22.67 0.13 -7.10
CA GLU A 153 22.50 -1.29 -6.74
C GLU A 153 21.10 -1.80 -7.06
N ILE A 154 20.06 -1.00 -6.77
CA ILE A 154 18.69 -1.35 -7.14
C ILE A 154 18.50 -1.46 -8.66
N ARG A 155 19.05 -0.50 -9.40
CA ARG A 155 18.99 -0.55 -10.85
C ARG A 155 19.65 -1.82 -11.42
N GLN A 156 20.79 -2.20 -10.83
CA GLN A 156 21.50 -3.42 -11.25
C GLN A 156 20.69 -4.68 -10.91
N LYS A 157 20.07 -4.69 -9.74
CA LYS A 157 19.21 -5.81 -9.35
C LYS A 157 18.04 -5.99 -10.33
N TYR A 158 17.42 -4.89 -10.77
CA TYR A 158 16.33 -4.99 -11.74
C TYR A 158 16.78 -5.33 -13.17
N GLN A 159 17.95 -4.86 -13.57
CA GLN A 159 18.59 -5.29 -14.83
C GLN A 159 18.77 -6.82 -14.87
N SER A 160 19.22 -7.39 -13.75
CA SER A 160 19.34 -8.84 -13.60
C SER A 160 17.99 -9.56 -13.74
N LYS A 161 16.93 -8.96 -13.20
CA LYS A 161 15.58 -9.50 -13.38
C LYS A 161 15.05 -9.36 -14.81
N ARG A 162 15.37 -8.27 -15.50
CA ARG A 162 14.90 -8.06 -16.88
C ARG A 162 15.52 -8.96 -17.92
N GLN A 163 16.82 -9.21 -17.80
CA GLN A 163 17.58 -9.84 -18.88
C GLN A 163 17.06 -11.20 -19.36
N PRO A 164 16.68 -12.11 -18.44
CA PRO A 164 16.15 -13.42 -18.92
C PRO A 164 14.82 -13.29 -19.69
N ILE A 165 13.99 -12.32 -19.30
CA ILE A 165 12.74 -12.03 -20.02
C ILE A 165 13.06 -11.53 -21.45
N LEU A 166 14.01 -10.59 -21.54
CA LEU A 166 14.47 -10.05 -22.84
C LEU A 166 15.05 -11.12 -23.76
N ASP A 167 15.84 -12.04 -23.19
CA ASP A 167 16.41 -13.16 -23.96
C ASP A 167 15.31 -14.11 -24.47
N ALA A 168 14.30 -14.34 -23.63
CA ALA A 168 13.16 -15.19 -24.00
C ALA A 168 12.36 -14.59 -25.15
N ILE A 169 12.19 -13.27 -25.13
CA ILE A 169 11.53 -12.52 -26.19
C ILE A 169 12.34 -12.59 -27.49
N GLU A 170 13.65 -12.35 -27.40
CA GLU A 170 14.54 -12.41 -28.57
C GLU A 170 14.63 -13.80 -29.22
N ALA A 171 14.47 -14.86 -28.44
CA ALA A 171 14.38 -16.22 -28.99
C ALA A 171 13.10 -16.52 -29.81
N LYS A 172 12.12 -15.60 -29.81
CA LYS A 172 10.91 -15.75 -30.64
C LYS A 172 11.20 -15.30 -32.07
N GLN B 5 -11.55 -6.87 19.26
CA GLN B 5 -10.94 -6.82 17.90
C GLN B 5 -11.05 -8.17 17.17
N ILE B 6 -11.64 -8.16 15.98
CA ILE B 6 -11.71 -9.36 15.14
C ILE B 6 -10.36 -9.56 14.46
N VAL B 7 -9.68 -10.66 14.79
CA VAL B 7 -8.36 -11.00 14.23
C VAL B 7 -8.53 -11.83 12.95
N VAL B 8 -7.80 -11.42 11.91
CA VAL B 8 -7.91 -12.00 10.57
C VAL B 8 -6.57 -12.66 10.23
N THR B 9 -6.58 -13.96 9.92
CA THR B 9 -5.36 -14.76 9.67
C THR B 9 -5.36 -15.42 8.28
N GLN B 10 -4.31 -15.18 7.49
CA GLN B 10 -4.20 -15.70 6.13
C GLN B 10 -3.15 -16.79 6.01
N ARG B 11 -3.43 -17.79 5.17
CA ARG B 11 -2.44 -18.82 4.85
C ARG B 11 -2.43 -19.12 3.34
N PRO B 12 -1.26 -19.30 2.72
CA PRO B 12 0.06 -19.09 3.32
C PRO B 12 0.42 -17.60 3.42
N THR B 13 1.53 -17.30 4.09
CA THR B 13 2.08 -15.93 4.10
C THR B 13 2.71 -15.60 2.75
N THR B 14 3.41 -16.59 2.19
CA THR B 14 4.07 -16.47 0.90
C THR B 14 3.97 -17.80 0.16
N MET B 15 3.92 -17.75 -1.16
CA MET B 15 4.05 -18.93 -2.02
C MET B 15 4.54 -18.60 -3.41
N ALA B 16 5.19 -19.59 -4.02
CA ALA B 16 5.71 -19.46 -5.37
C ALA B 16 5.04 -20.52 -6.24
N ALA B 17 4.37 -20.09 -7.31
CA ALA B 17 3.66 -21.00 -8.21
C ALA B 17 3.97 -20.71 -9.67
N SER B 18 3.60 -21.67 -10.52
CA SER B 18 3.81 -21.56 -11.96
C SER B 18 2.49 -21.24 -12.65
N PRO B 19 2.54 -20.47 -13.76
CA PRO B 19 1.36 -20.29 -14.59
C PRO B 19 0.71 -21.64 -14.94
N GLY B 20 -0.61 -21.72 -14.82
CA GLY B 20 -1.29 -23.00 -14.98
C GLY B 20 -1.69 -23.68 -13.68
N ASP B 21 -1.03 -23.37 -12.56
CA ASP B 21 -1.37 -23.99 -11.26
C ASP B 21 -2.60 -23.37 -10.60
N LYS B 22 -3.38 -24.20 -9.92
CA LYS B 22 -4.45 -23.70 -9.07
C LYS B 22 -3.83 -23.06 -7.81
N ILE B 23 -4.40 -21.93 -7.40
CA ILE B 23 -3.99 -21.19 -6.19
C ILE B 23 -5.18 -21.09 -5.24
N ILE B 24 -5.00 -21.47 -3.97
CA ILE B 24 -5.99 -21.23 -2.93
C ILE B 24 -5.30 -20.46 -1.80
N ILE B 25 -5.94 -19.37 -1.38
CA ILE B 25 -5.52 -18.57 -0.24
C ILE B 25 -6.65 -18.62 0.78
N THR B 26 -6.32 -18.92 2.04
CA THR B 26 -7.34 -19.01 3.09
C THR B 26 -7.30 -17.82 4.05
N CYS B 27 -8.48 -17.48 4.59
CA CYS B 27 -8.66 -16.41 5.57
C CYS B 27 -9.44 -17.01 6.74
N SER B 28 -8.89 -16.90 7.93
CA SER B 28 -9.52 -17.41 9.14
C SER B 28 -9.83 -16.24 10.06
N VAL B 29 -11.07 -16.19 10.56
CA VAL B 29 -11.56 -15.11 11.41
C VAL B 29 -11.73 -15.64 12.84
N SER B 30 -11.44 -14.79 13.83
CA SER B 30 -11.42 -15.18 15.25
C SER B 30 -12.81 -15.27 15.90
N SER B 31 -13.82 -14.68 15.27
CA SER B 31 -15.22 -14.94 15.59
C SER B 31 -16.09 -14.99 14.32
N ILE B 32 -17.27 -15.59 14.44
CA ILE B 32 -18.15 -15.80 13.30
C ILE B 32 -18.61 -14.45 12.73
N ILE B 33 -18.56 -14.32 11.41
CA ILE B 33 -19.14 -13.16 10.72
C ILE B 33 -20.00 -13.63 9.57
N SER B 34 -20.93 -12.77 9.17
CA SER B 34 -21.73 -13.02 7.96
C SER B 34 -20.81 -12.94 6.76
N SER B 35 -21.13 -13.76 5.76
CA SER B 35 -20.39 -13.80 4.50
C SER B 35 -20.46 -12.45 3.74
N ASN B 36 -21.47 -11.63 4.01
CA ASN B 36 -21.53 -10.25 3.48
C ASN B 36 -20.43 -9.31 3.96
N TYR B 37 -19.68 -9.66 5.00
CA TYR B 37 -18.66 -8.78 5.57
C TYR B 37 -17.20 -9.18 5.26
N LEU B 38 -16.97 -10.15 4.40
CA LEU B 38 -15.62 -10.62 4.09
C LEU B 38 -15.25 -10.30 2.64
N HIS B 39 -14.18 -9.52 2.47
CA HIS B 39 -13.76 -9.00 1.17
C HIS B 39 -12.30 -9.34 0.91
N TRP B 40 -11.92 -9.34 -0.37
CA TRP B 40 -10.54 -9.56 -0.81
C TRP B 40 -10.05 -8.41 -1.69
N TYR B 41 -8.76 -8.09 -1.54
CA TYR B 41 -8.07 -7.07 -2.33
C TYR B 41 -6.80 -7.68 -2.94
N SER B 42 -6.41 -7.19 -4.12
CA SER B 42 -5.09 -7.49 -4.70
C SER B 42 -4.26 -6.22 -4.81
N GLN B 43 -2.94 -6.38 -4.67
CA GLN B 43 -2.02 -5.24 -4.82
C GLN B 43 -0.85 -5.68 -5.70
N LYS B 44 -0.74 -5.08 -6.89
CA LYS B 44 0.41 -5.32 -7.75
C LYS B 44 1.57 -4.49 -7.19
N PRO B 45 2.78 -5.06 -7.12
CA PRO B 45 3.86 -4.29 -6.49
C PRO B 45 4.16 -3.00 -7.26
N GLY B 46 4.22 -1.90 -6.51
CA GLY B 46 4.33 -0.56 -7.08
C GLY B 46 3.00 0.14 -7.29
N PHE B 47 1.88 -0.54 -6.99
CA PHE B 47 0.54 0.04 -7.15
C PHE B 47 -0.23 -0.01 -5.83
N SER B 48 -1.35 0.70 -5.80
CA SER B 48 -2.23 0.70 -4.63
C SER B 48 -3.06 -0.58 -4.63
N PRO B 49 -3.63 -0.98 -3.47
CA PRO B 49 -4.61 -2.08 -3.47
C PRO B 49 -5.84 -1.80 -4.35
N LYS B 50 -6.48 -2.88 -4.79
CA LYS B 50 -7.73 -2.83 -5.57
C LYS B 50 -8.68 -3.90 -5.07
N LEU B 51 -9.96 -3.59 -5.04
CA LEU B 51 -10.98 -4.54 -4.63
C LEU B 51 -10.99 -5.69 -5.65
N LEU B 52 -11.00 -6.93 -5.15
CA LEU B 52 -10.99 -8.12 -5.98
C LEU B 52 -12.34 -8.86 -5.85
N ILE B 53 -12.72 -9.19 -4.63
CA ILE B 53 -13.99 -9.84 -4.32
C ILE B 53 -14.67 -9.14 -3.13
N TYR B 54 -16.00 -8.99 -3.21
CA TYR B 54 -16.79 -8.46 -2.10
C TYR B 54 -17.91 -9.43 -1.72
N ARG B 55 -18.36 -9.33 -0.48
CA ARG B 55 -19.31 -10.28 0.12
C ARG B 55 -18.96 -11.74 -0.21
N THR B 56 -17.72 -12.13 0.11
CA THR B 56 -17.23 -13.51 0.01
C THR B 56 -17.03 -14.03 -1.40
N SER B 57 -18.00 -13.83 -2.29
CA SER B 57 -18.04 -14.51 -3.58
C SER B 57 -18.28 -13.65 -4.81
N ASN B 58 -18.49 -12.34 -4.66
CA ASN B 58 -18.83 -11.51 -5.83
C ASN B 58 -17.59 -10.83 -6.38
N LEU B 59 -17.37 -10.99 -7.68
CA LEU B 59 -16.21 -10.39 -8.34
C LEU B 59 -16.44 -8.92 -8.56
N ALA B 60 -15.42 -8.11 -8.21
CA ALA B 60 -15.43 -6.68 -8.53
C ALA B 60 -15.26 -6.48 -10.04
N SER B 61 -15.64 -5.30 -10.52
CA SER B 61 -15.62 -5.00 -11.95
C SER B 61 -14.22 -5.14 -12.53
N GLY B 62 -14.11 -5.74 -13.71
CA GLY B 62 -12.82 -5.97 -14.37
C GLY B 62 -12.02 -7.20 -13.91
N VAL B 63 -12.50 -7.92 -12.90
CA VAL B 63 -11.80 -9.10 -12.39
C VAL B 63 -12.13 -10.28 -13.30
N PRO B 64 -11.11 -10.98 -13.83
CA PRO B 64 -11.38 -12.06 -14.78
C PRO B 64 -11.97 -13.32 -14.13
N PRO B 65 -12.61 -14.20 -14.93
CA PRO B 65 -13.39 -15.30 -14.37
C PRO B 65 -12.59 -16.43 -13.71
N ARG B 66 -11.26 -16.46 -13.85
CA ARG B 66 -10.45 -17.44 -13.11
C ARG B 66 -10.48 -17.27 -11.58
N PHE B 67 -10.83 -16.07 -11.10
CA PHE B 67 -10.97 -15.81 -9.67
C PHE B 67 -12.34 -16.24 -9.14
N SER B 68 -12.35 -16.83 -7.95
CA SER B 68 -13.59 -17.10 -7.21
C SER B 68 -13.34 -17.03 -5.71
N GLY B 69 -14.42 -16.95 -4.94
CA GLY B 69 -14.33 -16.97 -3.48
C GLY B 69 -15.46 -17.78 -2.86
N SER B 70 -15.20 -18.34 -1.68
CA SER B 70 -16.25 -18.98 -0.90
C SER B 70 -15.93 -18.99 0.59
N GLY B 71 -16.90 -19.49 1.36
CA GLY B 71 -16.74 -19.70 2.79
C GLY B 71 -17.96 -19.27 3.56
N SER B 72 -17.94 -19.55 4.86
CA SER B 72 -18.91 -19.03 5.82
C SER B 72 -18.36 -19.21 7.24
N GLY B 73 -19.01 -18.55 8.19
CA GLY B 73 -18.63 -18.62 9.60
C GLY B 73 -17.31 -17.94 9.87
N THR B 74 -16.29 -18.75 10.14
CA THR B 74 -14.94 -18.27 10.42
C THR B 74 -13.92 -18.65 9.33
N SER B 75 -14.34 -19.37 8.28
CA SER B 75 -13.41 -19.94 7.30
C SER B 75 -13.79 -19.52 5.88
N TYR B 76 -12.86 -18.80 5.23
CA TYR B 76 -13.08 -18.23 3.90
C TYR B 76 -11.89 -18.54 3.01
N SER B 77 -12.12 -18.52 1.69
CA SER B 77 -11.07 -18.82 0.74
C SER B 77 -11.21 -18.03 -0.57
N LEU B 78 -10.07 -17.81 -1.20
CA LEU B 78 -9.95 -17.22 -2.53
C LEU B 78 -9.24 -18.24 -3.41
N THR B 79 -9.76 -18.45 -4.62
CA THR B 79 -9.21 -19.42 -5.53
C THR B 79 -8.95 -18.80 -6.89
N ILE B 80 -7.76 -19.05 -7.42
CA ILE B 80 -7.43 -18.77 -8.82
C ILE B 80 -7.33 -20.14 -9.49
N GLY B 81 -8.28 -20.44 -10.40
CA GLY B 81 -8.38 -21.78 -11.01
C GLY B 81 -7.10 -22.15 -11.75
N THR B 82 -6.60 -21.19 -12.51
CA THR B 82 -5.36 -21.36 -13.23
C THR B 82 -4.56 -20.05 -13.20
N MET B 83 -3.47 -20.05 -12.46
CA MET B 83 -2.63 -18.87 -12.32
C MET B 83 -2.13 -18.38 -13.68
N GLU B 84 -2.14 -17.07 -13.88
CA GLU B 84 -1.44 -16.41 -14.97
C GLU B 84 -0.30 -15.56 -14.36
N ALA B 85 0.73 -15.29 -15.15
CA ALA B 85 1.90 -14.55 -14.64
C ALA B 85 1.52 -13.18 -14.10
N GLU B 86 0.56 -12.52 -14.75
CA GLU B 86 0.03 -11.22 -14.28
C GLU B 86 -0.67 -11.25 -12.88
N ASP B 87 -0.95 -12.43 -12.33
CA ASP B 87 -1.52 -12.56 -10.99
C ASP B 87 -0.50 -12.49 -9.86
N VAL B 88 0.78 -12.40 -10.18
CA VAL B 88 1.80 -12.07 -9.17
C VAL B 88 1.41 -10.77 -8.47
N ALA B 89 1.22 -10.87 -7.16
CA ALA B 89 0.63 -9.80 -6.34
C ALA B 89 0.65 -10.20 -4.87
N THR B 90 0.31 -9.24 -4.00
CA THR B 90 -0.09 -9.57 -2.63
C THR B 90 -1.60 -9.47 -2.52
N TYR B 91 -2.20 -10.48 -1.88
CA TYR B 91 -3.65 -10.54 -1.64
C TYR B 91 -3.97 -10.37 -0.15
N TYR B 92 -5.00 -9.57 0.15
CA TYR B 92 -5.41 -9.29 1.52
C TYR B 92 -6.89 -9.61 1.68
N CYS B 93 -7.28 -10.27 2.77
CA CYS B 93 -8.69 -10.32 3.16
C CYS B 93 -8.98 -9.22 4.20
N GLN B 94 -10.25 -8.86 4.33
CA GLN B 94 -10.69 -7.78 5.24
C GLN B 94 -12.08 -8.11 5.76
N GLN B 95 -12.32 -7.84 7.05
CA GLN B 95 -13.66 -7.90 7.62
C GLN B 95 -14.23 -6.49 7.73
N GLY B 96 -15.49 -6.34 7.34
CA GLY B 96 -16.23 -5.08 7.46
C GLY B 96 -17.41 -5.18 8.40
N SER B 97 -17.36 -6.12 9.35
CA SER B 97 -18.44 -6.37 10.28
C SER B 97 -18.50 -5.37 11.42
N ASP B 98 -17.35 -5.06 12.02
CA ASP B 98 -17.33 -4.13 13.17
C ASP B 98 -16.03 -3.33 13.29
N ILE B 99 -16.11 -2.24 14.05
CA ILE B 99 -14.97 -1.37 14.34
C ILE B 99 -14.14 -2.04 15.46
N PRO B 100 -12.81 -2.13 15.35
CA PRO B 100 -12.03 -1.60 14.23
C PRO B 100 -12.03 -2.52 13.01
N LEU B 101 -12.08 -1.90 11.84
CA LEU B 101 -11.95 -2.63 10.58
C LEU B 101 -10.55 -3.22 10.54
N THR B 102 -10.45 -4.48 10.12
CA THR B 102 -9.15 -5.19 10.14
C THR B 102 -8.91 -5.99 8.87
N PHE B 103 -7.63 -6.07 8.51
CA PHE B 103 -7.14 -6.77 7.32
C PHE B 103 -6.25 -7.92 7.76
N GLY B 104 -6.19 -8.97 6.95
CA GLY B 104 -5.17 -10.01 7.11
C GLY B 104 -3.80 -9.45 6.76
N ASP B 105 -2.74 -10.13 7.20
CA ASP B 105 -1.36 -9.66 7.00
C ASP B 105 -0.88 -9.72 5.53
N GLY B 106 -1.61 -10.45 4.71
CA GLY B 106 -1.31 -10.54 3.29
C GLY B 106 -0.71 -11.87 2.93
N THR B 107 -0.94 -12.25 1.69
CA THR B 107 -0.36 -13.43 1.08
C THR B 107 0.34 -12.96 -0.19
N LYS B 108 1.66 -13.15 -0.26
CA LYS B 108 2.43 -12.76 -1.44
C LYS B 108 2.55 -13.96 -2.38
N LEU B 109 2.06 -13.79 -3.60
CA LEU B 109 2.13 -14.81 -4.66
C LEU B 109 3.25 -14.44 -5.63
N ASP B 110 4.32 -15.25 -5.63
CA ASP B 110 5.47 -15.08 -6.52
C ASP B 110 5.49 -16.14 -7.63
N LEU B 111 6.31 -15.89 -8.63
CA LEU B 111 6.55 -16.86 -9.70
C LEU B 111 7.62 -17.86 -9.29
N LYS B 112 7.32 -19.15 -9.44
CA LYS B 112 8.32 -20.21 -9.30
C LYS B 112 9.29 -20.14 -10.50
N ARG B 113 10.58 -20.03 -10.22
CA ARG B 113 11.62 -19.93 -11.26
C ARG B 113 11.32 -18.84 -12.33
N GLY B 114 10.85 -17.69 -11.84
CA GLY B 114 10.40 -16.59 -12.67
C GLY B 114 11.47 -15.92 -13.52
N SER B 115 12.74 -16.05 -13.14
CA SER B 115 13.87 -15.53 -13.92
C SER B 115 14.64 -16.61 -14.71
N ASP B 116 14.06 -17.80 -14.86
CA ASP B 116 14.71 -18.92 -15.55
C ASP B 116 14.35 -18.89 -17.05
N TYR B 117 15.34 -18.65 -17.91
CA TYR B 117 15.14 -18.62 -19.37
C TYR B 117 14.43 -19.89 -19.88
N GLU B 118 14.78 -21.04 -19.32
CA GLU B 118 14.20 -22.33 -19.70
C GLU B 118 12.70 -22.40 -19.49
N PHE B 119 12.21 -21.76 -18.44
CA PHE B 119 10.76 -21.69 -18.18
C PHE B 119 10.13 -20.58 -19.03
N LEU B 120 10.75 -19.40 -19.01
CA LEU B 120 10.25 -18.21 -19.74
C LEU B 120 10.08 -18.38 -21.25
N LYS B 121 10.97 -19.17 -21.88
CA LYS B 121 10.97 -19.31 -23.35
C LYS B 121 9.69 -19.93 -23.93
N SER B 122 8.95 -20.67 -23.12
CA SER B 122 7.67 -21.25 -23.55
C SER B 122 6.45 -20.30 -23.42
N TRP B 123 6.63 -19.14 -22.80
CA TRP B 123 5.54 -18.15 -22.64
C TRP B 123 5.21 -17.47 -23.98
N THR B 124 4.02 -16.89 -24.09
CA THR B 124 3.73 -16.04 -25.25
C THR B 124 4.52 -14.73 -25.17
N VAL B 125 4.79 -14.13 -26.32
CA VAL B 125 5.43 -12.80 -26.37
C VAL B 125 4.60 -11.72 -25.63
N GLU B 126 3.27 -11.79 -25.74
CA GLU B 126 2.37 -10.89 -25.01
C GLU B 126 2.59 -10.98 -23.49
N ASP B 127 2.65 -12.20 -22.96
CA ASP B 127 2.85 -12.42 -21.53
C ASP B 127 4.26 -12.04 -21.05
N LEU B 128 5.27 -12.31 -21.86
CA LEU B 128 6.64 -11.86 -21.56
C LEU B 128 6.73 -10.33 -21.47
N GLN B 129 6.09 -9.64 -22.42
CA GLN B 129 6.01 -8.17 -22.41
C GLN B 129 5.35 -7.59 -21.17
N LYS B 130 4.20 -8.14 -20.79
CA LYS B 130 3.51 -7.72 -19.56
C LYS B 130 4.40 -7.85 -18.33
N ARG B 131 5.14 -8.96 -18.25
CA ARG B 131 6.01 -9.24 -17.11
C ARG B 131 7.18 -8.26 -17.05
N LEU B 132 7.79 -8.03 -18.22
CA LEU B 132 8.85 -7.02 -18.38
C LEU B 132 8.43 -5.66 -17.85
N LEU B 133 7.23 -5.20 -18.25
CA LEU B 133 6.72 -3.89 -17.83
C LEU B 133 6.26 -3.83 -16.37
N ALA B 134 5.87 -4.96 -15.78
CA ALA B 134 5.52 -5.02 -14.34
C ALA B 134 6.71 -4.73 -13.40
N LEU B 135 7.94 -4.96 -13.87
CA LEU B 135 9.14 -4.68 -13.06
C LEU B 135 9.41 -3.17 -12.82
N ASP B 136 9.07 -2.30 -13.78
CA ASP B 136 9.43 -0.87 -13.64
C ASP B 136 8.76 -0.15 -12.46
N PRO B 137 7.45 -0.33 -12.25
CA PRO B 137 6.83 0.26 -11.04
C PRO B 137 7.41 -0.28 -9.71
N MET B 138 7.87 -1.53 -9.69
CA MET B 138 8.54 -2.09 -8.49
C MET B 138 9.84 -1.35 -8.21
N MET B 139 10.68 -1.25 -9.25
CA MET B 139 11.96 -0.53 -9.14
C MET B 139 11.74 0.90 -8.68
N GLU B 140 10.78 1.58 -9.29
CA GLU B 140 10.51 2.98 -8.95
C GLU B 140 10.07 3.15 -7.50
N GLN B 141 9.24 2.23 -7.01
CA GLN B 141 8.84 2.23 -5.59
C GLN B 141 10.05 2.09 -4.66
N GLU B 142 10.96 1.17 -4.96
CA GLU B 142 12.16 0.99 -4.13
C GLU B 142 13.08 2.22 -4.15
N ILE B 143 13.24 2.83 -5.32
CA ILE B 143 14.05 4.04 -5.46
C ILE B 143 13.46 5.21 -4.65
N GLU B 144 12.15 5.40 -4.73
CA GLU B 144 11.50 6.47 -3.95
C GLU B 144 11.67 6.27 -2.44
N GLU B 145 11.61 5.02 -1.97
CA GLU B 145 11.90 4.73 -0.55
C GLU B 145 13.32 5.13 -0.13
N ILE B 146 14.31 4.88 -0.98
CA ILE B 146 15.69 5.33 -0.70
C ILE B 146 15.79 6.85 -0.65
N ARG B 147 15.13 7.54 -1.58
CA ARG B 147 15.15 9.01 -1.59
C ARG B 147 14.54 9.58 -0.30
N GLN B 148 13.41 9.01 0.14
CA GLN B 148 12.77 9.42 1.39
C GLN B 148 13.68 9.15 2.60
N LYS B 149 14.27 7.96 2.64
CA LYS B 149 15.25 7.62 3.71
C LYS B 149 16.35 8.68 3.81
N TYR B 150 16.93 9.07 2.69
CA TYR B 150 18.01 10.06 2.71
C TYR B 150 17.53 11.48 2.98
N GLN B 151 16.29 11.80 2.60
CA GLN B 151 15.67 13.07 3.01
C GLN B 151 15.60 13.19 4.54
N CYS B 152 15.20 12.12 5.20
CA CYS B 152 15.17 12.07 6.66
C CYS B 152 16.57 12.17 7.28
N LYS B 153 17.56 11.52 6.66
CA LYS B 153 18.95 11.63 7.13
C LYS B 153 19.51 13.05 7.01
N ARG B 154 19.12 13.77 5.96
CA ARG B 154 19.59 15.15 5.78
C ARG B 154 19.04 16.10 6.84
N GLN B 155 17.81 15.86 7.30
CA GLN B 155 17.08 16.85 8.10
C GLN B 155 17.77 17.37 9.35
N PRO B 156 18.20 16.47 10.27
CA PRO B 156 18.84 17.03 11.47
C PRO B 156 20.16 17.77 11.20
N ILE B 157 20.86 17.39 10.14
CA ILE B 157 22.11 18.08 9.75
C ILE B 157 21.78 19.49 9.23
N LEU B 158 20.77 19.60 8.38
CA LEU B 158 20.30 20.91 7.87
C LEU B 158 19.82 21.82 9.00
N ASP B 159 19.08 21.25 9.95
CA ASP B 159 18.62 21.99 11.14
C ASP B 159 19.78 22.54 11.97
N ALA B 160 20.80 21.71 12.19
CA ALA B 160 22.02 22.13 12.91
C ALA B 160 22.79 23.26 12.19
N ILE B 161 22.91 23.17 10.86
CA ILE B 161 23.53 24.25 10.07
C ILE B 161 22.71 25.54 10.18
N GLU B 162 21.39 25.40 10.04
CA GLU B 162 20.47 26.53 10.12
C GLU B 162 20.47 27.22 11.50
N ALA B 163 20.76 26.47 12.55
CA ALA B 163 20.70 26.97 13.93
C ALA B 163 21.88 27.84 14.36
N LYS B 164 22.93 27.93 13.55
CA LYS B 164 24.09 28.78 13.88
C LYS B 164 23.69 30.26 13.85
#